data_1F5M
#
_entry.id   1F5M
#
_cell.length_a   73.640
_cell.length_b   73.640
_cell.length_c   162.480
_cell.angle_alpha   90.00
_cell.angle_beta   90.00
_cell.angle_gamma   90.00
#
_symmetry.space_group_name_H-M   'P 43 21 2'
#
loop_
_entity.id
_entity.type
_entity.pdbx_description
1 polymer GAF
2 non-polymer 'BROMIDE ION'
3 water water
#
_entity_poly.entity_id   1
_entity_poly.type   'polypeptide(L)'
_entity_poly.pdbx_seq_one_letter_code
;MGSSTGFHHADHVNYSSNLNKEEILEQLLLSYEGLSDGQVNWVCNLSNASSLIWHAYKSLAVDINWAGFYVTQASEENTL
ILGPFQGKVACQMIQFGKGVCGTAASTKETQIVPDVNKYPGHIACDGETKSEIVVPIISNDGKTLGVIDIDCLDYEGFDH
VDKEFLEKLAKLINKSCVFK
;
_entity_poly.pdbx_strand_id   A,B
#
# COMPACT_ATOMS: atom_id res chain seq x y z
N SER A 4 0.76 12.29 -27.00
CA SER A 4 1.06 12.34 -25.51
C SER A 4 0.09 13.23 -24.75
N THR A 5 -0.65 12.64 -23.80
CA THR A 5 -1.60 13.43 -23.02
C THR A 5 -0.92 14.50 -22.16
N GLY A 6 0.32 14.25 -21.76
CA GLY A 6 1.02 15.18 -20.88
C GLY A 6 0.78 14.80 -19.41
N PHE A 7 -0.15 13.85 -19.17
CA PHE A 7 -0.47 13.38 -17.80
C PHE A 7 0.35 12.15 -17.36
N HIS A 8 0.38 11.88 -16.06
CA HIS A 8 1.07 10.71 -15.55
C HIS A 8 0.09 10.13 -14.52
N HIS A 9 0.15 8.84 -14.25
CA HIS A 9 -0.74 8.20 -13.26
C HIS A 9 -0.82 9.01 -11.98
N ALA A 10 0.34 9.46 -11.49
CA ALA A 10 0.41 10.22 -10.23
C ALA A 10 -0.52 11.42 -10.15
N ASP A 11 -0.77 12.05 -11.29
CA ASP A 11 -1.59 13.26 -11.38
C ASP A 11 -3.03 13.12 -10.81
N HIS A 12 -3.52 11.90 -10.70
CA HIS A 12 -4.84 11.65 -10.13
C HIS A 12 -4.92 12.17 -8.69
N VAL A 13 -3.78 12.32 -8.01
CA VAL A 13 -3.87 12.77 -6.63
C VAL A 13 -3.55 14.22 -6.39
N ASN A 14 -4.00 15.07 -7.30
CA ASN A 14 -3.88 16.51 -7.18
C ASN A 14 -5.23 17.10 -6.87
N TYR A 15 -5.29 17.85 -5.78
CA TYR A 15 -6.54 18.46 -5.35
C TYR A 15 -6.21 19.84 -4.77
N SER A 16 -6.65 20.91 -5.43
CA SER A 16 -6.38 22.23 -4.92
C SER A 16 -7.15 22.43 -3.63
N SER A 17 -6.60 23.30 -2.78
CA SER A 17 -7.21 23.61 -1.49
C SER A 17 -8.51 24.35 -1.80
N ASN A 18 -8.66 24.77 -3.05
CA ASN A 18 -9.86 25.50 -3.42
C ASN A 18 -11.05 24.61 -3.80
N LEU A 19 -10.81 23.31 -3.97
CA LEU A 19 -11.88 22.37 -4.28
C LEU A 19 -12.63 22.04 -2.98
N ASN A 20 -13.91 21.73 -3.05
CA ASN A 20 -14.66 21.37 -1.85
C ASN A 20 -14.73 19.85 -1.74
N LYS A 21 -15.20 19.35 -0.59
CA LYS A 21 -15.29 17.93 -0.33
C LYS A 21 -16.09 17.09 -1.36
N GLU A 22 -17.27 17.57 -1.75
CA GLU A 22 -18.02 16.83 -2.74
C GLU A 22 -17.25 16.62 -4.05
N GLU A 23 -16.55 17.66 -4.50
CA GLU A 23 -15.75 17.61 -5.74
C GLU A 23 -14.60 16.64 -5.62
N ILE A 24 -13.80 16.79 -4.58
CA ILE A 24 -12.68 15.89 -4.37
C ILE A 24 -13.15 14.43 -4.38
N LEU A 25 -14.21 14.09 -3.62
CA LEU A 25 -14.67 12.73 -3.58
C LEU A 25 -15.26 12.29 -4.93
N GLU A 26 -15.88 13.21 -5.63
CA GLU A 26 -16.45 12.84 -6.93
C GLU A 26 -15.30 12.50 -7.89
N GLN A 27 -14.26 13.32 -7.85
CA GLN A 27 -13.09 13.07 -8.70
C GLN A 27 -12.41 11.75 -8.34
N LEU A 28 -12.40 11.40 -7.04
CA LEU A 28 -11.78 10.17 -6.62
C LEU A 28 -12.47 8.95 -7.25
N LEU A 29 -13.80 8.90 -7.21
CA LEU A 29 -14.56 7.80 -7.80
C LEU A 29 -14.30 7.67 -9.29
N LEU A 30 -14.29 8.80 -9.95
CA LEU A 30 -13.99 8.83 -11.37
C LEU A 30 -12.57 8.33 -11.61
N SER A 31 -11.60 8.78 -10.81
CA SER A 31 -10.20 8.33 -11.02
C SER A 31 -10.14 6.81 -10.81
N TYR A 32 -10.84 6.29 -9.79
CA TYR A 32 -10.81 4.88 -9.48
C TYR A 32 -11.37 4.11 -10.64
N GLU A 33 -12.35 4.71 -11.30
CA GLU A 33 -12.97 4.06 -12.43
C GLU A 33 -11.98 4.02 -13.60
N GLY A 34 -11.35 5.14 -13.88
CA GLY A 34 -10.38 5.20 -14.95
C GLY A 34 -9.20 4.24 -14.69
N LEU A 35 -8.69 4.21 -13.46
CA LEU A 35 -7.54 3.36 -13.18
C LEU A 35 -7.81 1.88 -13.12
N SER A 36 -9.02 1.47 -12.73
CA SER A 36 -9.34 0.06 -12.57
C SER A 36 -10.00 -0.55 -13.81
N ASP A 37 -10.33 0.29 -14.80
CA ASP A 37 -10.98 -0.22 -16.00
C ASP A 37 -10.21 -1.36 -16.66
N GLY A 38 -8.90 -1.19 -16.78
CA GLY A 38 -8.08 -2.18 -17.45
C GLY A 38 -7.77 -3.57 -16.93
N GLN A 39 -7.93 -3.84 -15.62
CA GLN A 39 -7.62 -5.14 -15.03
C GLN A 39 -8.57 -5.45 -13.90
N VAL A 40 -8.78 -6.73 -13.61
CA VAL A 40 -9.65 -7.08 -12.49
C VAL A 40 -8.77 -7.47 -11.30
N ASN A 41 -7.45 -7.43 -11.49
CA ASN A 41 -6.50 -7.79 -10.42
C ASN A 41 -6.78 -6.93 -9.20
N TRP A 42 -7.28 -7.55 -8.15
CA TRP A 42 -7.64 -6.75 -7.00
C TRP A 42 -6.48 -6.10 -6.25
N VAL A 43 -5.32 -6.76 -6.17
CA VAL A 43 -4.21 -6.13 -5.46
C VAL A 43 -3.91 -4.82 -6.15
N CYS A 44 -3.80 -4.87 -7.48
CA CYS A 44 -3.52 -3.67 -8.29
C CYS A 44 -4.51 -2.55 -8.07
N ASN A 45 -5.80 -2.90 -8.17
CA ASN A 45 -6.81 -1.88 -8.02
C ASN A 45 -6.87 -1.33 -6.60
N LEU A 46 -6.73 -2.18 -5.58
CA LEU A 46 -6.80 -1.70 -4.21
C LEU A 46 -5.59 -0.86 -3.80
N SER A 47 -4.44 -1.18 -4.38
CA SER A 47 -3.24 -0.45 -4.08
C SER A 47 -3.42 0.96 -4.57
N ASN A 48 -3.87 1.13 -5.82
CA ASN A 48 -4.08 2.50 -6.35
C ASN A 48 -5.24 3.14 -5.59
N ALA A 49 -6.24 2.34 -5.25
CA ALA A 49 -7.35 2.88 -4.46
C ALA A 49 -6.88 3.46 -3.13
N SER A 50 -5.93 2.80 -2.43
CA SER A 50 -5.50 3.32 -1.14
C SER A 50 -4.83 4.71 -1.23
N SER A 51 -4.12 4.93 -2.33
CA SER A 51 -3.43 6.16 -2.59
C SER A 51 -4.45 7.23 -2.89
N LEU A 52 -5.44 6.91 -3.72
CA LEU A 52 -6.51 7.87 -3.97
C LEU A 52 -7.15 8.32 -2.64
N ILE A 53 -7.55 7.36 -1.82
CA ILE A 53 -8.22 7.71 -0.54
C ILE A 53 -7.33 8.56 0.35
N TRP A 54 -6.06 8.15 0.49
CA TRP A 54 -5.10 8.85 1.34
C TRP A 54 -4.94 10.28 0.92
N HIS A 55 -4.68 10.49 -0.37
CA HIS A 55 -4.46 11.83 -0.82
C HIS A 55 -5.70 12.66 -0.79
N ALA A 56 -6.82 12.06 -1.11
CA ALA A 56 -8.06 12.83 -1.05
C ALA A 56 -8.26 13.35 0.38
N TYR A 57 -8.05 12.49 1.40
CA TYR A 57 -8.27 12.94 2.77
C TYR A 57 -7.25 13.93 3.27
N LYS A 58 -6.02 13.83 2.76
CA LYS A 58 -5.01 14.78 3.17
C LYS A 58 -5.39 16.16 2.64
N SER A 59 -5.98 16.18 1.45
CA SER A 59 -6.36 17.48 0.88
C SER A 59 -7.55 18.05 1.67
N LEU A 60 -8.42 17.17 2.15
CA LEU A 60 -9.57 17.61 2.94
C LEU A 60 -9.22 18.11 4.33
N ALA A 61 -7.96 18.04 4.71
CA ALA A 61 -7.54 18.50 6.02
C ALA A 61 -8.12 17.65 7.19
N VAL A 62 -8.54 16.42 6.90
CA VAL A 62 -8.99 15.50 7.96
C VAL A 62 -7.64 14.93 8.30
N ASP A 63 -7.24 14.94 9.56
CA ASP A 63 -5.91 14.42 9.86
C ASP A 63 -5.84 12.90 9.85
N ILE A 64 -5.87 12.28 8.68
CA ILE A 64 -5.80 10.81 8.65
C ILE A 64 -4.40 10.23 8.79
N ASN A 65 -4.25 9.06 9.42
CA ASN A 65 -2.95 8.42 9.59
C ASN A 65 -2.92 7.03 8.94
N TRP A 66 -4.03 6.55 8.44
CA TRP A 66 -4.02 5.25 7.73
C TRP A 66 -5.17 5.19 6.76
N ALA A 67 -4.92 4.65 5.56
CA ALA A 67 -5.98 4.46 4.58
C ALA A 67 -5.75 3.18 3.81
N GLY A 68 -6.60 2.21 4.07
CA GLY A 68 -6.44 0.92 3.41
C GLY A 68 -7.52 -0.11 3.43
N PHE A 69 -7.13 -1.35 3.13
CA PHE A 69 -8.06 -2.46 3.00
C PHE A 69 -7.66 -3.75 3.68
N TYR A 70 -8.64 -4.53 4.13
CA TYR A 70 -8.32 -5.90 4.58
C TYR A 70 -9.19 -6.69 3.61
N VAL A 71 -8.81 -7.92 3.31
CA VAL A 71 -9.56 -8.73 2.37
C VAL A 71 -9.93 -10.04 3.06
N THR A 72 -11.14 -10.55 2.79
CA THR A 72 -11.58 -11.80 3.39
C THR A 72 -10.63 -12.88 2.92
N GLN A 73 -10.04 -13.58 3.87
CA GLN A 73 -9.06 -14.60 3.55
C GLN A 73 -9.67 -15.74 2.76
N ALA A 74 -8.94 -16.18 1.73
CA ALA A 74 -9.41 -17.24 0.86
C ALA A 74 -9.57 -18.56 1.62
N SER A 75 -8.79 -18.75 2.68
CA SER A 75 -8.86 -19.98 3.46
C SER A 75 -10.24 -20.25 4.10
N GLU A 76 -10.22 -20.76 5.33
CA GLU A 76 -11.45 -21.11 6.05
C GLU A 76 -12.25 -19.95 6.68
N GLU A 77 -13.02 -20.34 7.71
CA GLU A 77 -13.90 -19.47 8.50
C GLU A 77 -13.43 -18.02 8.53
N ASN A 78 -14.27 -17.16 7.96
CA ASN A 78 -13.99 -15.75 7.80
C ASN A 78 -13.10 -14.98 8.76
N THR A 79 -12.00 -14.60 8.14
CA THR A 79 -10.88 -13.90 8.69
C THR A 79 -10.56 -12.81 7.67
N LEU A 80 -10.23 -11.61 8.15
CA LEU A 80 -9.80 -10.54 7.26
C LEU A 80 -8.27 -10.63 7.28
N ILE A 81 -7.64 -10.49 6.12
CA ILE A 81 -6.17 -10.48 6.02
C ILE A 81 -5.73 -9.10 5.40
N LEU A 82 -4.70 -8.51 5.99
CA LEU A 82 -4.13 -7.20 5.59
C LEU A 82 -3.97 -7.11 4.07
N GLY A 83 -4.40 -6.00 3.48
CA GLY A 83 -4.29 -5.78 2.05
C GLY A 83 -3.57 -4.45 1.84
N PRO A 84 -3.56 -3.88 0.62
CA PRO A 84 -2.84 -2.61 0.42
C PRO A 84 -3.31 -1.48 1.28
N PHE A 85 -2.36 -0.63 1.62
CA PHE A 85 -2.69 0.55 2.45
C PHE A 85 -1.67 1.63 2.35
N GLN A 86 -2.07 2.85 2.73
CA GLN A 86 -1.14 4.01 2.82
C GLN A 86 -1.08 4.31 4.32
N GLY A 87 0.11 4.40 4.87
CA GLY A 87 0.17 4.65 6.31
C GLY A 87 1.25 3.85 7.03
N LYS A 88 1.11 3.65 8.34
CA LYS A 88 2.12 2.89 9.09
C LYS A 88 1.77 1.42 9.13
N VAL A 89 2.75 0.58 9.48
CA VAL A 89 2.59 -0.89 9.59
C VAL A 89 1.34 -1.18 10.43
N ALA A 90 0.58 -2.17 9.96
CA ALA A 90 -0.71 -2.53 10.52
C ALA A 90 -0.82 -4.01 10.87
N CYS A 91 -1.87 -4.32 11.66
CA CYS A 91 -2.18 -5.67 12.08
C CYS A 91 -2.37 -6.58 10.86
N GLN A 92 -1.84 -7.80 10.94
CA GLN A 92 -1.90 -8.72 9.82
C GLN A 92 -3.20 -9.45 9.57
N MET A 93 -3.96 -9.71 10.63
CA MET A 93 -5.17 -10.46 10.45
C MET A 93 -6.17 -10.10 11.51
N ILE A 94 -7.44 -10.07 11.13
CA ILE A 94 -8.51 -9.74 12.04
C ILE A 94 -9.62 -10.74 11.81
N GLN A 95 -10.12 -11.33 12.90
CA GLN A 95 -11.20 -12.30 12.80
C GLN A 95 -12.53 -11.55 12.63
N PHE A 96 -13.44 -12.09 11.86
CA PHE A 96 -14.73 -11.43 11.73
C PHE A 96 -15.33 -11.27 13.13
N GLY A 97 -16.00 -10.15 13.36
CA GLY A 97 -16.62 -9.93 14.66
C GLY A 97 -15.71 -9.23 15.66
N LYS A 98 -14.42 -9.10 15.34
CA LYS A 98 -13.46 -8.47 16.25
C LYS A 98 -12.99 -7.07 15.86
N GLY A 99 -13.15 -6.10 16.77
CA GLY A 99 -12.76 -4.74 16.46
C GLY A 99 -13.67 -4.08 15.41
N VAL A 100 -13.39 -2.83 15.02
CA VAL A 100 -14.21 -2.13 14.05
C VAL A 100 -14.24 -2.82 12.67
N CYS A 101 -13.09 -3.26 12.17
CA CYS A 101 -13.04 -3.93 10.88
C CYS A 101 -13.79 -5.25 10.95
N GLY A 102 -13.55 -6.04 12.00
CA GLY A 102 -14.22 -7.33 12.11
C GLY A 102 -15.73 -7.14 12.30
N THR A 103 -16.12 -6.01 12.89
CA THR A 103 -17.56 -5.73 13.13
C THR A 103 -18.21 -5.36 11.79
N ALA A 104 -17.48 -4.62 10.95
CA ALA A 104 -17.99 -4.26 9.63
C ALA A 104 -18.12 -5.57 8.83
N ALA A 105 -17.19 -6.50 9.01
CA ALA A 105 -17.25 -7.75 8.25
C ALA A 105 -18.43 -8.66 8.66
N SER A 106 -18.70 -8.76 9.95
CA SER A 106 -19.82 -9.63 10.34
C SER A 106 -21.18 -8.99 10.15
N THR A 107 -21.29 -7.68 10.30
CA THR A 107 -22.59 -7.05 10.13
C THR A 107 -22.89 -6.66 8.69
N LYS A 108 -21.87 -6.53 7.85
CA LYS A 108 -21.99 -6.09 6.50
C LYS A 108 -22.54 -4.69 6.51
N GLU A 109 -22.14 -3.94 7.52
CA GLU A 109 -22.64 -2.59 7.62
C GLU A 109 -21.47 -1.66 7.91
N THR A 110 -21.61 -0.41 7.57
CA THR A 110 -20.58 0.58 7.83
C THR A 110 -20.47 0.92 9.30
N GLN A 111 -19.23 1.09 9.77
CA GLN A 111 -19.03 1.45 11.16
C GLN A 111 -18.30 2.78 11.26
N ILE A 112 -18.86 3.69 12.05
CA ILE A 112 -18.26 5.00 12.29
C ILE A 112 -18.00 5.15 13.79
N VAL A 113 -16.72 5.19 14.16
CA VAL A 113 -16.30 5.26 15.56
C VAL A 113 -15.66 6.61 15.89
N PRO A 114 -16.34 7.41 16.72
CA PRO A 114 -15.86 8.73 17.11
C PRO A 114 -14.69 8.74 18.08
N ASP A 115 -14.51 7.67 18.85
CA ASP A 115 -13.43 7.56 19.83
C ASP A 115 -13.16 6.08 20.02
N VAL A 116 -12.07 5.58 19.45
CA VAL A 116 -11.80 4.15 19.55
C VAL A 116 -11.37 3.69 20.93
N ASN A 117 -11.05 4.62 21.83
CA ASN A 117 -10.64 4.16 23.14
C ASN A 117 -11.89 3.91 23.99
N LYS A 118 -13.05 4.25 23.47
CA LYS A 118 -14.29 4.02 24.20
C LYS A 118 -15.08 2.95 23.43
N TYR A 119 -14.39 2.21 22.55
CA TYR A 119 -15.02 1.14 21.76
C TYR A 119 -14.55 -0.23 22.25
N PRO A 120 -15.42 -0.99 22.96
CA PRO A 120 -15.03 -2.32 23.45
C PRO A 120 -14.57 -3.27 22.35
N GLY A 121 -13.40 -3.86 22.55
CA GLY A 121 -12.90 -4.81 21.60
C GLY A 121 -12.06 -4.17 20.52
N HIS A 122 -11.80 -2.87 20.63
CA HIS A 122 -11.00 -2.19 19.62
C HIS A 122 -9.65 -2.88 19.42
N ILE A 123 -9.24 -3.03 18.17
CA ILE A 123 -7.95 -3.66 17.86
C ILE A 123 -7.18 -2.54 17.23
N ALA A 124 -6.30 -1.94 18.01
CA ALA A 124 -5.53 -0.83 17.53
C ALA A 124 -4.25 -1.27 16.80
N CYS A 125 -4.05 -0.75 15.59
CA CYS A 125 -2.83 -1.06 14.84
C CYS A 125 -1.88 0.11 15.00
N ASP A 126 -2.43 1.31 15.18
CA ASP A 126 -1.63 2.54 15.40
C ASP A 126 -2.12 3.09 16.74
N GLY A 127 -1.20 3.20 17.69
CA GLY A 127 -1.60 3.70 18.99
C GLY A 127 -2.17 5.11 18.96
N GLU A 128 -1.81 5.90 17.95
CA GLU A 128 -2.27 7.31 17.87
C GLU A 128 -3.65 7.53 17.25
N THR A 129 -4.23 6.47 16.68
CA THR A 129 -5.52 6.59 16.04
C THR A 129 -6.58 6.92 17.09
N LYS A 130 -7.38 7.95 16.81
CA LYS A 130 -8.45 8.35 17.73
C LYS A 130 -9.84 8.04 17.20
N SER A 131 -10.05 8.17 15.89
CA SER A 131 -11.38 7.85 15.32
C SER A 131 -11.15 7.01 14.09
N GLU A 132 -12.19 6.31 13.65
CA GLU A 132 -12.07 5.38 12.52
C GLU A 132 -13.38 5.08 11.79
N ILE A 133 -13.29 4.83 10.47
CA ILE A 133 -14.48 4.47 9.69
C ILE A 133 -14.12 3.23 8.85
N VAL A 134 -15.04 2.30 8.88
CA VAL A 134 -14.87 1.03 8.14
C VAL A 134 -16.08 0.74 7.32
N VAL A 135 -15.84 0.56 6.05
CA VAL A 135 -16.92 0.24 5.12
C VAL A 135 -16.68 -1.13 4.48
N PRO A 136 -17.65 -2.01 4.59
CA PRO A 136 -17.46 -3.35 4.00
C PRO A 136 -17.63 -3.39 2.48
N ILE A 137 -16.93 -4.31 1.82
CA ILE A 137 -17.02 -4.48 0.36
C ILE A 137 -17.83 -5.76 0.18
N ILE A 138 -19.07 -5.59 -0.33
CA ILE A 138 -20.03 -6.68 -0.53
C ILE A 138 -20.06 -7.24 -1.95
N SER A 139 -20.04 -8.55 -2.08
CA SER A 139 -20.04 -9.21 -3.38
C SER A 139 -21.46 -9.24 -3.93
N ASN A 140 -21.60 -9.78 -5.14
CA ASN A 140 -22.91 -9.90 -5.75
C ASN A 140 -23.86 -10.74 -4.93
N ASP A 141 -23.33 -11.80 -4.32
CA ASP A 141 -24.16 -12.69 -3.51
C ASP A 141 -24.35 -12.18 -2.08
N GLY A 142 -23.94 -10.94 -1.80
CA GLY A 142 -24.12 -10.37 -0.47
C GLY A 142 -23.15 -10.80 0.63
N LYS A 143 -21.96 -11.29 0.24
CA LYS A 143 -20.96 -11.72 1.22
C LYS A 143 -19.89 -10.62 1.39
N THR A 144 -19.25 -10.58 2.55
CA THR A 144 -18.21 -9.61 2.77
C THR A 144 -16.92 -10.08 2.04
N LEU A 145 -16.41 -9.22 1.18
CA LEU A 145 -15.17 -9.53 0.44
C LEU A 145 -13.93 -8.90 1.09
N GLY A 146 -14.18 -7.91 1.93
CA GLY A 146 -13.11 -7.21 2.57
C GLY A 146 -13.69 -5.90 3.11
N VAL A 147 -12.85 -5.06 3.65
CA VAL A 147 -13.34 -3.79 4.18
C VAL A 147 -12.43 -2.67 3.76
N ILE A 148 -12.96 -1.44 3.79
CA ILE A 148 -12.18 -0.26 3.49
C ILE A 148 -12.03 0.33 4.89
N ASP A 149 -10.80 0.66 5.28
CA ASP A 149 -10.61 1.14 6.64
C ASP A 149 -9.77 2.41 6.68
N ILE A 150 -10.28 3.46 7.33
CA ILE A 150 -9.54 4.73 7.43
C ILE A 150 -9.39 5.16 8.90
N ASP A 151 -8.18 5.53 9.34
CA ASP A 151 -8.02 5.98 10.74
C ASP A 151 -7.76 7.48 10.74
N CYS A 152 -8.14 8.13 11.82
CA CYS A 152 -7.92 9.57 11.95
C CYS A 152 -7.23 9.86 13.28
N LEU A 153 -6.33 10.83 13.28
CA LEU A 153 -5.60 11.19 14.48
C LEU A 153 -6.38 12.07 15.44
N ASP A 154 -7.58 12.47 15.04
CA ASP A 154 -8.47 13.29 15.86
C ASP A 154 -9.76 12.50 16.16
N TYR A 155 -10.44 12.84 17.24
CA TYR A 155 -11.71 12.20 17.57
C TYR A 155 -12.76 12.60 16.53
N GLU A 156 -13.77 11.78 16.34
CA GLU A 156 -14.87 12.06 15.43
C GLU A 156 -14.46 12.64 14.06
N GLY A 157 -13.56 11.98 13.36
CA GLY A 157 -13.11 12.50 12.07
C GLY A 157 -14.02 12.25 10.86
N PHE A 158 -14.88 11.25 10.97
CA PHE A 158 -15.75 10.85 9.88
C PHE A 158 -17.25 10.98 10.17
N ASP A 159 -18.04 11.21 9.12
CA ASP A 159 -19.49 11.33 9.25
C ASP A 159 -20.23 10.70 8.04
N HIS A 160 -21.54 10.94 7.92
CA HIS A 160 -22.32 10.30 6.85
C HIS A 160 -21.85 10.58 5.41
N VAL A 161 -21.15 11.67 5.21
CA VAL A 161 -20.63 12.01 3.87
C VAL A 161 -19.55 11.01 3.49
N ASP A 162 -18.68 10.71 4.43
CA ASP A 162 -17.61 9.74 4.17
C ASP A 162 -18.19 8.37 3.94
N LYS A 163 -19.25 8.01 4.70
CA LYS A 163 -19.92 6.73 4.57
C LYS A 163 -20.55 6.61 3.17
N GLU A 164 -21.19 7.68 2.74
CA GLU A 164 -21.88 7.67 1.45
C GLU A 164 -20.89 7.51 0.31
N PHE A 165 -19.80 8.23 0.39
CA PHE A 165 -18.77 8.14 -0.64
C PHE A 165 -18.10 6.77 -0.62
N LEU A 166 -17.75 6.31 0.59
CA LEU A 166 -17.04 5.03 0.73
C LEU A 166 -17.87 3.88 0.29
N GLU A 167 -19.17 3.92 0.58
CA GLU A 167 -20.05 2.86 0.15
C GLU A 167 -20.14 2.77 -1.38
N LYS A 168 -20.07 3.92 -2.05
CA LYS A 168 -20.09 3.94 -3.52
C LYS A 168 -18.78 3.34 -3.99
N LEU A 169 -17.70 3.76 -3.36
CA LEU A 169 -16.40 3.22 -3.80
C LEU A 169 -16.37 1.72 -3.60
N ALA A 170 -17.00 1.20 -2.54
CA ALA A 170 -16.96 -0.25 -2.32
C ALA A 170 -17.70 -0.99 -3.44
N LYS A 171 -18.79 -0.39 -3.93
CA LYS A 171 -19.57 -0.96 -5.04
C LYS A 171 -18.67 -1.02 -6.30
N LEU A 172 -18.03 0.09 -6.61
CA LEU A 172 -17.11 0.16 -7.76
C LEU A 172 -16.05 -0.92 -7.64
N ILE A 173 -15.48 -1.07 -6.44
CA ILE A 173 -14.50 -2.09 -6.23
C ILE A 173 -15.04 -3.51 -6.52
N ASN A 174 -16.23 -3.84 -6.02
CA ASN A 174 -16.77 -5.17 -6.27
C ASN A 174 -17.03 -5.42 -7.75
N LYS A 175 -17.46 -4.39 -8.45
CA LYS A 175 -17.78 -4.54 -9.87
C LYS A 175 -16.53 -4.60 -10.75
N SER A 176 -15.43 -4.04 -10.25
CA SER A 176 -14.17 -3.97 -11.00
C SER A 176 -13.10 -4.92 -10.55
N CYS A 177 -13.29 -5.65 -9.48
CA CYS A 177 -12.22 -6.56 -9.09
C CYS A 177 -12.68 -7.96 -8.97
N VAL A 178 -11.73 -8.85 -9.19
CA VAL A 178 -12.04 -10.25 -8.98
C VAL A 178 -11.25 -10.74 -7.79
N PHE A 179 -11.98 -11.07 -6.72
CA PHE A 179 -11.38 -11.62 -5.51
C PHE A 179 -11.38 -13.18 -5.54
N SER B 3 -2.23 -7.63 30.19
CA SER B 3 -0.75 -7.54 30.01
C SER B 3 -0.33 -6.94 28.64
N SER B 4 -0.56 -5.64 28.43
CA SER B 4 -0.23 -5.00 27.15
C SER B 4 1.25 -4.66 26.96
N THR B 5 1.83 -4.96 25.80
CA THR B 5 3.24 -4.66 25.64
C THR B 5 3.47 -3.19 25.60
N GLY B 6 2.42 -2.42 25.35
CA GLY B 6 2.60 -0.97 25.24
C GLY B 6 3.11 -0.63 23.82
N PHE B 7 3.22 -1.63 22.94
CA PHE B 7 3.65 -1.32 21.58
C PHE B 7 2.45 -1.54 20.65
N HIS B 8 2.53 -1.03 19.44
CA HIS B 8 1.48 -1.23 18.43
C HIS B 8 2.24 -1.51 17.15
N HIS B 9 1.54 -2.10 16.17
CA HIS B 9 2.16 -2.43 14.89
C HIS B 9 2.86 -1.23 14.27
N ALA B 10 2.22 -0.07 14.37
CA ALA B 10 2.76 1.15 13.79
C ALA B 10 4.17 1.54 14.30
N ASP B 11 4.54 1.03 15.48
CA ASP B 11 5.82 1.36 16.08
C ASP B 11 7.05 0.86 15.35
N HIS B 12 6.86 -0.05 14.41
CA HIS B 12 8.00 -0.50 13.65
C HIS B 12 8.53 0.63 12.78
N VAL B 13 7.72 1.66 12.65
CA VAL B 13 8.06 2.78 11.80
C VAL B 13 8.22 4.05 12.65
N ASN B 14 8.24 3.88 13.97
CA ASN B 14 8.40 5.01 14.88
C ASN B 14 9.76 4.88 15.55
N TYR B 15 10.74 5.61 15.03
CA TYR B 15 12.08 5.61 15.63
C TYR B 15 12.72 6.93 15.27
N SER B 16 13.79 7.27 15.99
CA SER B 16 14.43 8.54 15.76
C SER B 16 15.19 8.56 14.46
N SER B 17 15.25 9.76 13.87
CA SER B 17 15.97 9.96 12.62
C SER B 17 17.45 10.17 12.92
N ASN B 18 17.82 10.06 14.21
CA ASN B 18 19.22 10.22 14.62
C ASN B 18 19.95 8.91 14.59
N LEU B 19 19.25 7.84 14.24
CA LEU B 19 19.92 6.54 14.10
C LEU B 19 20.65 6.68 12.77
N ASN B 20 21.79 6.00 12.63
CA ASN B 20 22.54 6.05 11.37
C ASN B 20 21.94 5.04 10.39
N LYS B 21 22.20 5.23 9.11
CA LYS B 21 21.65 4.37 8.08
C LYS B 21 21.79 2.84 8.30
N GLU B 22 22.95 2.35 8.74
CA GLU B 22 23.08 0.92 8.97
C GLU B 22 22.10 0.44 10.02
N GLU B 23 21.94 1.21 11.09
CA GLU B 23 21.00 0.84 12.16
C GLU B 23 19.56 0.75 11.65
N ILE B 24 19.16 1.79 10.91
CA ILE B 24 17.82 1.89 10.36
C ILE B 24 17.50 0.72 9.42
N LEU B 25 18.42 0.37 8.55
CA LEU B 25 18.15 -0.70 7.62
C LEU B 25 18.21 -2.06 8.30
N GLU B 26 19.07 -2.18 9.30
CA GLU B 26 19.15 -3.46 9.97
C GLU B 26 17.87 -3.64 10.77
N GLN B 27 17.35 -2.57 11.33
CA GLN B 27 16.10 -2.63 12.09
C GLN B 27 14.93 -2.96 11.19
N LEU B 28 15.03 -2.54 9.93
CA LEU B 28 13.95 -2.81 9.00
C LEU B 28 13.93 -4.29 8.70
N LEU B 29 15.08 -4.88 8.43
CA LEU B 29 15.14 -6.34 8.12
C LEU B 29 14.57 -7.13 9.30
N LEU B 30 14.89 -6.70 10.54
CA LEU B 30 14.38 -7.39 11.75
C LEU B 30 12.87 -7.18 11.89
N SER B 31 12.38 -5.98 11.60
CA SER B 31 10.93 -5.74 11.68
C SER B 31 10.21 -6.58 10.59
N TYR B 32 10.74 -6.63 9.39
CA TYR B 32 10.08 -7.40 8.35
C TYR B 32 9.96 -8.86 8.77
N GLU B 33 11.03 -9.39 9.35
CA GLU B 33 11.05 -10.77 9.80
C GLU B 33 9.99 -11.01 10.88
N GLY B 34 9.94 -10.14 11.87
CA GLY B 34 8.94 -10.31 12.89
C GLY B 34 7.51 -10.10 12.40
N LEU B 35 7.30 -9.17 11.46
CA LEU B 35 5.98 -8.89 10.93
C LEU B 35 5.48 -9.95 9.98
N SER B 36 6.40 -10.64 9.31
CA SER B 36 6.04 -11.67 8.32
C SER B 36 6.07 -13.11 8.82
N ASP B 37 6.54 -13.30 10.05
CA ASP B 37 6.63 -14.64 10.59
C ASP B 37 5.31 -15.38 10.60
N GLY B 38 4.27 -14.71 11.07
CA GLY B 38 2.96 -15.33 11.17
C GLY B 38 2.13 -15.76 9.98
N GLN B 39 2.50 -15.38 8.74
CA GLN B 39 1.71 -15.80 7.59
C GLN B 39 2.53 -15.68 6.32
N VAL B 40 2.19 -16.51 5.33
CA VAL B 40 2.90 -16.47 4.07
C VAL B 40 2.15 -15.58 3.09
N ASN B 41 0.96 -15.12 3.47
CA ASN B 41 0.19 -14.25 2.55
C ASN B 41 1.06 -13.13 2.01
N TRP B 42 1.27 -13.12 0.70
CA TRP B 42 2.19 -12.13 0.18
C TRP B 42 1.69 -10.74 0.13
N VAL B 43 0.38 -10.56 0.05
CA VAL B 43 -0.14 -9.20 0.00
C VAL B 43 0.08 -8.55 1.34
N CYS B 44 -0.26 -9.26 2.41
CA CYS B 44 -0.08 -8.73 3.75
C CYS B 44 1.38 -8.36 4.02
N ASN B 45 2.25 -9.29 3.66
CA ASN B 45 3.66 -9.12 3.89
C ASN B 45 4.27 -8.00 3.05
N LEU B 46 3.89 -7.88 1.77
CA LEU B 46 4.45 -6.77 1.00
C LEU B 46 3.82 -5.46 1.36
N SER B 47 2.57 -5.46 1.86
CA SER B 47 1.99 -4.19 2.23
C SER B 47 2.73 -3.60 3.42
N ASN B 48 3.02 -4.39 4.46
CA ASN B 48 3.76 -3.85 5.60
C ASN B 48 5.18 -3.55 5.16
N ALA B 49 5.71 -4.38 4.30
CA ALA B 49 7.06 -4.08 3.79
C ALA B 49 7.11 -2.68 3.13
N SER B 50 6.14 -2.37 2.28
CA SER B 50 6.17 -1.07 1.60
C SER B 50 6.19 0.05 2.65
N SER B 51 5.46 -0.11 3.75
CA SER B 51 5.45 0.92 4.77
C SER B 51 6.83 1.05 5.50
N LEU B 52 7.50 -0.08 5.71
CA LEU B 52 8.81 -0.14 6.37
C LEU B 52 9.81 0.65 5.50
N ILE B 53 9.81 0.33 4.21
CA ILE B 53 10.75 0.96 3.26
C ILE B 53 10.51 2.47 3.18
N TRP B 54 9.24 2.86 3.07
CA TRP B 54 8.86 4.24 2.93
C TRP B 54 9.40 5.07 4.11
N HIS B 55 9.06 4.64 5.33
CA HIS B 55 9.47 5.36 6.52
C HIS B 55 10.96 5.34 6.75
N ALA B 56 11.62 4.25 6.44
CA ALA B 56 13.09 4.20 6.59
C ALA B 56 13.73 5.30 5.73
N TYR B 57 13.35 5.35 4.46
CA TYR B 57 13.96 6.36 3.61
C TYR B 57 13.58 7.78 3.99
N LYS B 58 12.39 7.97 4.54
CA LYS B 58 11.97 9.31 4.94
C LYS B 58 12.87 9.75 6.08
N SER B 59 13.18 8.83 7.01
CA SER B 59 14.02 9.22 8.13
C SER B 59 15.48 9.38 7.72
N LEU B 60 15.92 8.69 6.67
CA LEU B 60 17.30 8.83 6.16
C LEU B 60 17.39 10.13 5.38
N ALA B 61 16.27 10.84 5.33
CA ALA B 61 16.19 12.12 4.65
C ALA B 61 16.44 12.06 3.12
N VAL B 62 15.98 10.98 2.51
CA VAL B 62 16.02 10.81 1.08
C VAL B 62 14.60 11.24 0.73
N ASP B 63 14.45 12.17 -0.21
CA ASP B 63 13.12 12.67 -0.55
C ASP B 63 12.39 11.72 -1.49
N ILE B 64 12.03 10.53 -1.00
CA ILE B 64 11.35 9.56 -1.85
C ILE B 64 9.87 9.92 -2.05
N ASN B 65 9.29 9.45 -3.16
CA ASN B 65 7.91 9.66 -3.52
C ASN B 65 7.21 8.34 -3.82
N TRP B 66 7.94 7.23 -3.76
CA TRP B 66 7.26 5.97 -3.99
C TRP B 66 8.09 4.84 -3.46
N ALA B 67 7.44 3.89 -2.78
CA ALA B 67 8.15 2.72 -2.30
C ALA B 67 7.17 1.62 -2.36
N GLY B 68 7.47 0.62 -3.16
CA GLY B 68 6.51 -0.46 -3.30
C GLY B 68 6.95 -1.62 -4.12
N PHE B 69 5.97 -2.38 -4.59
CA PHE B 69 6.23 -3.62 -5.34
C PHE B 69 5.40 -3.88 -6.60
N TYR B 70 5.97 -4.71 -7.48
CA TYR B 70 5.30 -5.24 -8.68
C TYR B 70 5.53 -6.74 -8.54
N VAL B 71 4.64 -7.58 -9.05
CA VAL B 71 4.84 -9.00 -8.87
C VAL B 71 4.54 -9.61 -10.21
N THR B 72 5.20 -10.70 -10.50
CA THR B 72 5.03 -11.34 -11.80
C THR B 72 3.63 -11.92 -11.88
N GLN B 73 2.93 -11.55 -12.94
CA GLN B 73 1.58 -12.04 -13.15
C GLN B 73 1.65 -13.57 -13.22
N ALA B 74 0.79 -14.24 -12.48
CA ALA B 74 0.77 -15.71 -12.49
C ALA B 74 0.46 -16.17 -13.92
N SER B 75 -0.59 -15.59 -14.49
CA SER B 75 -1.01 -15.91 -15.83
C SER B 75 0.10 -15.72 -16.88
N GLU B 76 1.04 -14.80 -16.64
CA GLU B 76 2.12 -14.57 -17.61
C GLU B 76 3.46 -14.21 -16.94
N GLU B 77 4.43 -15.13 -16.98
CA GLU B 77 5.72 -14.90 -16.33
C GLU B 77 6.70 -13.95 -17.03
N ASN B 78 6.15 -13.03 -17.83
CA ASN B 78 6.93 -12.01 -18.54
C ASN B 78 6.25 -10.67 -18.35
N THR B 79 5.37 -10.61 -17.36
CA THR B 79 4.64 -9.39 -17.06
C THR B 79 4.61 -9.14 -15.55
N LEU B 80 4.72 -7.86 -15.17
CA LEU B 80 4.68 -7.42 -13.77
C LEU B 80 3.34 -6.71 -13.54
N ILE B 81 2.69 -7.04 -12.44
CA ILE B 81 1.40 -6.41 -12.08
C ILE B 81 1.64 -5.60 -10.79
N LEU B 82 1.06 -4.41 -10.74
CA LEU B 82 1.19 -3.50 -9.58
C LEU B 82 0.75 -4.18 -8.27
N GLY B 83 1.63 -4.11 -7.25
CA GLY B 83 1.38 -4.67 -5.93
C GLY B 83 1.33 -3.54 -4.92
N PRO B 84 1.38 -3.81 -3.61
CA PRO B 84 1.34 -2.80 -2.53
C PRO B 84 2.44 -1.76 -2.58
N PHE B 85 2.07 -0.52 -2.27
CA PHE B 85 3.03 0.54 -2.30
C PHE B 85 2.63 1.72 -1.43
N GLN B 86 3.60 2.54 -1.09
CA GLN B 86 3.35 3.81 -0.38
C GLN B 86 3.70 4.88 -1.42
N GLY B 87 2.85 5.88 -1.56
CA GLY B 87 3.13 6.93 -2.55
C GLY B 87 1.93 7.28 -3.41
N LYS B 88 2.16 7.92 -4.56
CA LYS B 88 1.06 8.29 -5.43
C LYS B 88 0.71 7.17 -6.39
N VAL B 89 -0.52 7.21 -6.92
CA VAL B 89 -1.05 6.25 -7.90
C VAL B 89 0.03 5.94 -8.99
N ALA B 90 0.10 4.67 -9.40
CA ALA B 90 1.12 4.19 -10.31
C ALA B 90 0.60 3.29 -11.43
N CYS B 91 1.50 3.02 -12.39
CA CYS B 91 1.22 2.18 -13.55
C CYS B 91 0.82 0.78 -13.07
N GLN B 92 -0.20 0.21 -13.71
CA GLN B 92 -0.76 -1.09 -13.37
C GLN B 92 -0.02 -2.32 -13.87
N MET B 93 0.68 -2.19 -14.98
CA MET B 93 1.35 -3.34 -15.52
C MET B 93 2.60 -2.88 -16.22
N ILE B 94 3.66 -3.67 -16.11
CA ILE B 94 4.91 -3.36 -16.80
C ILE B 94 5.40 -4.64 -17.48
N GLN B 95 5.86 -4.53 -18.73
CA GLN B 95 6.32 -5.69 -19.49
C GLN B 95 7.83 -5.89 -19.21
N PHE B 96 8.25 -7.14 -19.04
CA PHE B 96 9.66 -7.45 -18.77
C PHE B 96 10.47 -6.82 -19.87
N GLY B 97 11.70 -6.42 -19.55
CA GLY B 97 12.54 -5.77 -20.56
C GLY B 97 12.20 -4.30 -20.81
N LYS B 98 11.12 -3.80 -20.21
CA LYS B 98 10.74 -2.41 -20.43
C LYS B 98 10.77 -1.54 -19.18
N GLY B 99 11.49 -0.44 -19.29
CA GLY B 99 11.62 0.51 -18.20
C GLY B 99 12.52 -0.04 -17.11
N VAL B 100 12.78 0.75 -16.08
CA VAL B 100 13.63 0.31 -15.01
C VAL B 100 13.09 -0.95 -14.34
N CYS B 101 11.82 -0.95 -13.95
CA CYS B 101 11.24 -2.13 -13.34
C CYS B 101 11.28 -3.35 -14.25
N GLY B 102 10.86 -3.17 -15.50
CA GLY B 102 10.84 -4.29 -16.45
C GLY B 102 12.24 -4.79 -16.76
N THR B 103 13.23 -3.92 -16.69
CA THR B 103 14.59 -4.40 -16.98
C THR B 103 15.19 -5.12 -15.75
N ALA B 104 14.80 -4.69 -14.55
CA ALA B 104 15.29 -5.38 -13.35
C ALA B 104 14.76 -6.81 -13.39
N ALA B 105 13.56 -6.95 -13.94
CA ALA B 105 12.89 -8.25 -14.02
C ALA B 105 13.46 -9.17 -15.09
N SER B 106 13.68 -8.66 -16.31
CA SER B 106 14.25 -9.47 -17.37
C SER B 106 15.75 -9.85 -17.14
N THR B 107 16.54 -8.88 -16.67
CA THR B 107 17.97 -9.12 -16.45
C THR B 107 18.27 -9.77 -15.11
N LYS B 108 17.28 -9.76 -14.22
CA LYS B 108 17.41 -10.26 -12.85
C LYS B 108 18.53 -9.54 -12.11
N GLU B 109 18.78 -8.29 -12.48
CA GLU B 109 19.82 -7.52 -11.83
C GLU B 109 19.25 -6.20 -11.32
N THR B 110 19.69 -5.78 -10.15
CA THR B 110 19.29 -4.52 -9.54
C THR B 110 19.66 -3.37 -10.47
N GLN B 111 18.72 -2.46 -10.61
CA GLN B 111 18.94 -1.30 -11.42
C GLN B 111 19.05 -0.12 -10.47
N ILE B 112 20.15 0.62 -10.55
CA ILE B 112 20.31 1.84 -9.71
C ILE B 112 20.41 3.00 -10.68
N VAL B 113 19.34 3.79 -10.75
CA VAL B 113 19.26 4.87 -11.74
C VAL B 113 19.36 6.28 -11.17
N PRO B 114 20.44 6.98 -11.51
CA PRO B 114 20.64 8.36 -11.00
C PRO B 114 19.81 9.43 -11.69
N ASP B 115 19.41 9.16 -12.92
CA ASP B 115 18.64 10.15 -13.67
C ASP B 115 17.77 9.35 -14.61
N VAL B 116 16.53 9.16 -14.19
CA VAL B 116 15.54 8.38 -14.85
C VAL B 116 15.26 8.83 -16.32
N ASN B 117 15.40 10.12 -16.57
CA ASN B 117 15.18 10.61 -17.90
C ASN B 117 16.36 10.35 -18.83
N LYS B 118 17.47 9.83 -18.30
CA LYS B 118 18.58 9.49 -19.20
C LYS B 118 18.44 7.98 -19.41
N TYR B 119 17.38 7.37 -18.83
CA TYR B 119 17.21 5.90 -18.91
C TYR B 119 16.36 5.53 -20.10
N PRO B 120 16.99 5.02 -21.19
CA PRO B 120 16.12 4.68 -22.33
C PRO B 120 14.97 3.75 -22.04
N GLY B 121 13.78 4.18 -22.45
CA GLY B 121 12.59 3.36 -22.24
C GLY B 121 11.96 3.51 -20.87
N HIS B 122 12.37 4.52 -20.10
CA HIS B 122 11.82 4.78 -18.77
C HIS B 122 10.29 4.86 -18.86
N ILE B 123 9.59 4.30 -17.88
CA ILE B 123 8.11 4.32 -17.84
C ILE B 123 7.83 5.09 -16.57
N ALA B 124 7.48 6.37 -16.71
CA ALA B 124 7.21 7.21 -15.57
C ALA B 124 5.76 7.08 -15.07
N CYS B 125 5.59 6.69 -13.81
CA CYS B 125 4.24 6.62 -13.21
C CYS B 125 4.04 8.01 -12.56
N ASP B 126 5.13 8.57 -12.05
CA ASP B 126 5.11 9.90 -11.43
C ASP B 126 6.05 10.76 -12.28
N GLY B 127 5.51 11.81 -12.89
CA GLY B 127 6.35 12.67 -13.69
C GLY B 127 7.43 13.36 -12.89
N GLU B 128 7.35 13.36 -11.56
CA GLU B 128 8.42 14.05 -10.78
C GLU B 128 9.54 13.17 -10.34
N THR B 129 9.47 11.88 -10.67
CA THR B 129 10.51 11.00 -10.24
C THR B 129 11.79 11.37 -11.00
N LYS B 130 12.92 11.50 -10.29
CA LYS B 130 14.19 11.81 -10.94
C LYS B 130 15.19 10.69 -10.84
N SER B 131 15.14 9.92 -9.76
CA SER B 131 16.07 8.80 -9.64
C SER B 131 15.29 7.65 -9.11
N GLU B 132 15.81 6.43 -9.29
CA GLU B 132 15.09 5.21 -8.93
C GLU B 132 16.01 3.99 -8.72
N ILE B 133 15.55 3.08 -7.89
CA ILE B 133 16.28 1.83 -7.64
C ILE B 133 15.28 0.70 -7.66
N VAL B 134 15.61 -0.34 -8.43
CA VAL B 134 14.72 -1.50 -8.53
C VAL B 134 15.49 -2.76 -8.29
N VAL B 135 15.01 -3.52 -7.31
CA VAL B 135 15.65 -4.76 -6.91
C VAL B 135 14.73 -5.95 -7.18
N PRO B 136 15.19 -6.90 -8.01
CA PRO B 136 14.33 -8.06 -8.29
C PRO B 136 14.27 -9.12 -7.18
N ILE B 137 13.07 -9.68 -6.95
CA ILE B 137 12.87 -10.69 -5.93
C ILE B 137 12.98 -12.01 -6.67
N ILE B 138 13.89 -12.88 -6.23
CA ILE B 138 14.13 -14.14 -6.93
C ILE B 138 13.65 -15.39 -6.22
N SER B 139 13.08 -16.33 -6.97
CA SER B 139 12.58 -17.57 -6.36
C SER B 139 13.71 -18.58 -6.10
N ASN B 140 13.42 -19.63 -5.35
CA ASN B 140 14.42 -20.67 -5.09
C ASN B 140 14.83 -21.18 -6.44
N ASP B 141 13.82 -21.27 -7.29
CA ASP B 141 13.93 -21.74 -8.64
C ASP B 141 14.75 -20.75 -9.48
N GLY B 142 15.06 -19.57 -8.93
CA GLY B 142 15.84 -18.59 -9.67
C GLY B 142 15.08 -17.71 -10.67
N LYS B 143 13.76 -17.71 -10.59
CA LYS B 143 12.99 -16.88 -11.51
C LYS B 143 12.57 -15.57 -10.81
N THR B 144 12.20 -14.54 -11.57
CA THR B 144 11.77 -13.26 -10.97
C THR B 144 10.31 -13.37 -10.44
N LEU B 145 10.12 -13.21 -9.14
CA LEU B 145 8.78 -13.28 -8.52
C LEU B 145 8.11 -11.89 -8.56
N GLY B 146 8.97 -10.86 -8.57
CA GLY B 146 8.51 -9.48 -8.63
C GLY B 146 9.69 -8.55 -8.38
N VAL B 147 9.41 -7.26 -8.18
CA VAL B 147 10.49 -6.33 -7.91
C VAL B 147 10.13 -5.40 -6.78
N ILE B 148 11.17 -4.86 -6.15
CA ILE B 148 11.02 -3.87 -5.10
C ILE B 148 11.41 -2.60 -5.85
N ASP B 149 10.54 -1.60 -5.78
CA ASP B 149 10.73 -0.36 -6.52
C ASP B 149 10.63 0.90 -5.64
N ILE B 150 11.69 1.70 -5.64
CA ILE B 150 11.67 2.97 -4.89
C ILE B 150 11.95 4.15 -5.80
N ASP B 151 11.10 5.20 -5.74
CA ASP B 151 11.32 6.39 -6.60
C ASP B 151 11.78 7.54 -5.69
N CYS B 152 12.64 8.42 -6.22
CA CYS B 152 13.12 9.60 -5.46
C CYS B 152 12.90 10.87 -6.25
N LEU B 153 12.60 11.97 -5.55
CA LEU B 153 12.37 13.26 -6.20
C LEU B 153 13.63 13.97 -6.64
N ASP B 154 14.79 13.55 -6.12
CA ASP B 154 16.06 14.18 -6.53
C ASP B 154 16.87 13.18 -7.36
N TYR B 155 17.80 13.68 -8.17
CA TYR B 155 18.69 12.80 -8.94
C TYR B 155 19.63 12.16 -7.93
N GLU B 156 20.25 11.05 -8.30
CA GLU B 156 21.24 10.40 -7.45
C GLU B 156 20.77 10.10 -6.03
N GLY B 157 19.57 9.61 -5.89
CA GLY B 157 19.13 9.35 -4.52
C GLY B 157 19.57 8.03 -3.90
N PHE B 158 20.06 7.08 -4.72
CA PHE B 158 20.45 5.73 -4.24
C PHE B 158 21.87 5.25 -4.57
N ASP B 159 22.38 4.30 -3.77
CA ASP B 159 23.73 3.80 -3.99
C ASP B 159 23.77 2.29 -3.68
N HIS B 160 24.94 1.67 -3.75
CA HIS B 160 25.00 0.23 -3.51
C HIS B 160 24.74 -0.29 -2.09
N VAL B 161 24.68 0.59 -1.09
CA VAL B 161 24.32 0.16 0.25
C VAL B 161 22.80 -0.12 0.20
N ASP B 162 22.07 0.68 -0.57
CA ASP B 162 20.63 0.49 -0.70
C ASP B 162 20.38 -0.86 -1.40
N LYS B 163 21.18 -1.14 -2.41
CA LYS B 163 21.06 -2.40 -3.15
C LYS B 163 21.36 -3.59 -2.25
N GLU B 164 22.39 -3.43 -1.41
CA GLU B 164 22.79 -4.50 -0.54
C GLU B 164 21.67 -4.82 0.42
N PHE B 165 21.13 -3.82 1.09
CA PHE B 165 20.03 -4.08 2.03
C PHE B 165 18.75 -4.52 1.33
N LEU B 166 18.44 -3.96 0.16
CA LEU B 166 17.19 -4.35 -0.48
C LEU B 166 17.30 -5.77 -1.03
N GLU B 167 18.50 -6.21 -1.42
CA GLU B 167 18.61 -7.57 -1.93
C GLU B 167 18.49 -8.54 -0.77
N LYS B 168 18.82 -8.13 0.45
CA LYS B 168 18.67 -9.03 1.59
C LYS B 168 17.17 -9.15 1.88
N LEU B 169 16.50 -8.02 1.75
CA LEU B 169 15.07 -7.95 1.99
C LEU B 169 14.29 -8.79 1.00
N ALA B 170 14.74 -8.78 -0.24
CA ALA B 170 14.11 -9.54 -1.31
C ALA B 170 14.24 -11.02 -0.98
N LYS B 171 15.37 -11.43 -0.42
CA LYS B 171 15.55 -12.84 -0.08
C LYS B 171 14.62 -13.26 1.08
N LEU B 172 14.39 -12.34 2.01
CA LEU B 172 13.53 -12.59 3.16
C LEU B 172 12.07 -12.67 2.73
N ILE B 173 11.76 -11.95 1.65
CA ILE B 173 10.41 -11.93 1.11
C ILE B 173 10.19 -13.27 0.43
N ASN B 174 11.18 -13.70 -0.36
CA ASN B 174 11.06 -14.99 -1.05
C ASN B 174 10.82 -16.15 -0.06
N LYS B 175 11.54 -16.15 1.06
CA LYS B 175 11.43 -17.22 2.05
C LYS B 175 10.20 -17.09 2.94
N SER B 176 9.63 -15.90 3.00
CA SER B 176 8.48 -15.67 3.86
C SER B 176 7.15 -15.62 3.16
N CYS B 177 7.19 -15.45 1.84
CA CYS B 177 5.95 -15.35 1.10
C CYS B 177 5.79 -16.48 0.12
N VAL B 178 4.54 -16.76 -0.18
CA VAL B 178 4.19 -17.77 -1.16
C VAL B 178 3.47 -16.97 -2.26
N PHE B 179 4.11 -16.87 -3.40
CA PHE B 179 3.52 -16.16 -4.52
C PHE B 179 2.71 -17.11 -5.41
#